data_5ICE
#
_entry.id   5ICE
#
_cell.length_a   73.720
_cell.length_b   109.130
_cell.length_c   40.950
_cell.angle_alpha   90.000
_cell.angle_beta   90.000
_cell.angle_gamma   90.000
#
_symmetry.space_group_name_H-M   'P 21 21 2'
#
loop_
_entity.id
_entity.type
_entity.pdbx_description
1 polymer '(S)-norcoclaurine 6-O-methyltransferase'
2 non-polymer S-ADENOSYL-L-HOMOCYSTEINE
3 non-polymer (1S)-1-(3,4-dihydroxybenzyl)-1,2,3,4-tetrahydroisoquinoline-6,7-diol
4 non-polymer 'POTASSIUM ION'
5 non-polymer 1,2-ETHANEDIOL
6 water water
#
_entity_poly.entity_id   1
_entity_poly.type   'polypeptide(L)'
_entity_poly.pdbx_seq_one_letter_code
;GAMVMINKENLSSQAKLWNFIYGFADSLVLKSAVQLDLANIIHNHGSPMTLSELSLHLPSQPVNQDALYRVLRYLVHMKL
FTKSSIDGELRYGLAPPAKFLVKGWDKCMLGAILTITDKDFMAPWHYLKEGILNDGSTSTAFEKALGTNIWDYMAEHPEK
NQLFNEGMANDTRLIMSALVKECSSMFDGITTIVDVGGGTGTAVRNIAKAFPHIKCTVYDLPHVIADSPGYTEINSIQGD
MFKYIPNADAIMMKCILHDWDDKECIEILKRCKDAVPRDGGKVIIIDIILDVKSEHPYTKMRLTLDLDMMLNTGGKERTE
EEWKKLIHDAGYKGYKITHISAVQSVIEAYPY
;
_entity_poly.pdbx_strand_id   A
#
loop_
_chem_comp.id
_chem_comp.type
_chem_comp.name
_chem_comp.formula
2H4 non-polymer (1S)-1-(3,4-dihydroxybenzyl)-1,2,3,4-tetrahydroisoquinoline-6,7-diol 'C16 H17 N O4'
EDO non-polymer 1,2-ETHANEDIOL 'C2 H6 O2'
K non-polymer 'POTASSIUM ION' 'K 1'
SAH non-polymer S-ADENOSYL-L-HOMOCYSTEINE 'C14 H20 N6 O5 S'
#
# COMPACT_ATOMS: atom_id res chain seq x y z
N GLY A 1 15.39 -44.22 -17.30
CA GLY A 1 14.66 -43.00 -17.71
C GLY A 1 14.32 -42.02 -16.60
N ALA A 2 13.02 -41.78 -16.46
CA ALA A 2 12.58 -40.74 -15.54
C ALA A 2 12.04 -41.32 -14.28
N MET A 3 11.81 -40.44 -13.34
CA MET A 3 11.22 -40.83 -12.05
CA MET A 3 11.25 -40.84 -12.05
C MET A 3 9.94 -41.59 -12.26
N VAL A 4 9.77 -42.72 -11.57
CA VAL A 4 8.52 -43.45 -11.56
C VAL A 4 7.96 -43.39 -10.14
N MET A 5 6.74 -42.84 -9.98
CA MET A 5 6.09 -42.86 -8.67
CA MET A 5 6.08 -42.86 -8.67
C MET A 5 5.42 -44.20 -8.46
N ILE A 6 5.56 -44.77 -7.24
CA ILE A 6 5.00 -46.10 -7.03
C ILE A 6 4.06 -46.17 -5.82
N ASN A 7 4.07 -45.10 -5.01
N ASN A 7 4.00 -45.10 -5.01
CA ASN A 7 3.24 -45.05 -3.77
CA ASN A 7 3.00 -45.10 -3.91
C ASN A 7 2.47 -43.73 -3.84
C ASN A 7 2.42 -43.71 -3.86
N LYS A 8 1.48 -43.49 -2.96
CA LYS A 8 0.63 -42.28 -3.08
C LYS A 8 1.43 -40.93 -2.96
N GLU A 9 1.12 -40.02 -3.86
CA GLU A 9 1.76 -38.77 -3.88
C GLU A 9 1.12 -37.93 -2.76
N ASN A 10 1.90 -36.99 -2.30
CA ASN A 10 1.53 -36.14 -1.19
C ASN A 10 0.36 -35.19 -1.60
N LEU A 11 -0.77 -35.29 -0.93
CA LEU A 11 -1.97 -34.44 -1.21
C LEU A 11 -1.67 -33.00 -0.81
N SER A 12 -0.98 -32.79 0.30
CA SER A 12 -0.70 -31.41 0.75
CA SER A 12 -0.70 -31.43 0.75
C SER A 12 0.10 -30.61 -0.24
N SER A 13 1.06 -31.30 -0.89
CA SER A 13 1.95 -30.56 -1.80
CA SER A 13 1.96 -30.67 -1.85
C SER A 13 1.15 -30.16 -3.06
N GLN A 14 0.24 -31.02 -3.50
CA GLN A 14 -0.64 -30.68 -4.65
C GLN A 14 -1.62 -29.59 -4.29
N ALA A 15 -2.13 -29.64 -3.03
CA ALA A 15 -3.02 -28.59 -2.54
C ALA A 15 -2.30 -27.25 -2.47
N LYS A 16 -1.03 -27.24 -2.12
CA LYS A 16 -0.25 -26.00 -2.07
C LYS A 16 -0.24 -25.33 -3.46
N LEU A 17 -0.09 -26.18 -4.49
CA LEU A 17 -0.14 -25.64 -5.91
C LEU A 17 -1.52 -25.13 -6.27
N TRP A 18 -2.58 -25.91 -5.97
CA TRP A 18 -3.92 -25.44 -6.26
C TRP A 18 -4.21 -24.10 -5.54
N ASN A 19 -3.70 -23.96 -4.31
CA ASN A 19 -3.98 -22.74 -3.56
C ASN A 19 -3.22 -21.53 -4.16
N PHE A 20 -2.03 -21.78 -4.70
CA PHE A 20 -1.30 -20.73 -5.42
C PHE A 20 -2.02 -20.41 -6.73
N ILE A 21 -2.44 -21.45 -7.49
CA ILE A 21 -3.15 -21.20 -8.76
C ILE A 21 -4.33 -20.29 -8.51
N TYR A 22 -5.11 -20.59 -7.48
CA TYR A 22 -6.34 -19.83 -7.16
C TYR A 22 -6.11 -18.71 -6.19
N GLY A 23 -4.86 -18.22 -6.05
CA GLY A 23 -4.61 -17.07 -5.12
C GLY A 23 -5.54 -15.93 -5.45
N PHE A 24 -5.78 -15.69 -6.75
CA PHE A 24 -6.65 -14.54 -7.14
C PHE A 24 -8.03 -14.65 -6.54
N ALA A 25 -8.51 -15.90 -6.25
CA ALA A 25 -9.86 -16.00 -5.64
C ALA A 25 -9.92 -15.34 -4.27
N ASP A 26 -8.82 -15.41 -3.48
CA ASP A 26 -8.83 -14.70 -2.22
C ASP A 26 -8.93 -13.20 -2.44
N SER A 27 -8.17 -12.66 -3.44
CA SER A 27 -8.21 -11.22 -3.70
C SER A 27 -9.60 -10.78 -4.10
N LEU A 28 -10.23 -11.59 -4.98
CA LEU A 28 -11.49 -11.15 -5.58
C LEU A 28 -12.73 -11.50 -4.80
N VAL A 29 -12.66 -12.53 -3.96
CA VAL A 29 -13.72 -12.71 -2.92
C VAL A 29 -13.64 -11.59 -1.92
N LEU A 30 -12.42 -11.26 -1.47
CA LEU A 30 -12.31 -10.12 -0.52
C LEU A 30 -12.86 -8.85 -1.12
N LYS A 31 -12.52 -8.57 -2.39
CA LYS A 31 -13.09 -7.40 -3.06
C LYS A 31 -14.64 -7.39 -2.99
N SER A 32 -15.23 -8.52 -3.26
CA SER A 32 -16.71 -8.62 -3.23
C SER A 32 -17.25 -8.35 -1.81
N ALA A 33 -16.56 -8.88 -0.79
CA ALA A 33 -16.98 -8.64 0.61
C ALA A 33 -16.93 -7.17 0.93
N VAL A 34 -15.92 -6.47 0.40
CA VAL A 34 -15.81 -5.02 0.62
C VAL A 34 -16.92 -4.28 -0.13
N GLN A 35 -17.15 -4.66 -1.37
CA GLN A 35 -18.21 -3.98 -2.18
C GLN A 35 -19.59 -4.19 -1.58
N LEU A 36 -19.81 -5.36 -0.96
CA LEU A 36 -21.10 -5.66 -0.27
C LEU A 36 -21.19 -5.00 1.11
N ASP A 37 -20.01 -4.57 1.66
CA ASP A 37 -19.91 -3.91 2.93
C ASP A 37 -20.33 -4.79 4.12
N LEU A 38 -20.10 -6.11 3.96
CA LEU A 38 -20.54 -7.09 4.93
C LEU A 38 -20.02 -6.82 6.35
N ALA A 39 -18.74 -6.47 6.45
CA ALA A 39 -18.10 -6.32 7.78
C ALA A 39 -18.71 -5.12 8.52
N ASN A 40 -19.08 -4.10 7.78
CA ASN A 40 -19.65 -2.88 8.41
C ASN A 40 -21.11 -3.04 8.77
N ILE A 41 -21.89 -3.81 7.97
CA ILE A 41 -23.26 -4.09 8.30
C ILE A 41 -23.26 -4.86 9.61
N ILE A 42 -22.38 -5.89 9.73
CA ILE A 42 -22.31 -6.70 10.95
C ILE A 42 -21.80 -5.89 12.14
N HIS A 43 -20.72 -5.15 11.96
CA HIS A 43 -20.12 -4.37 13.06
C HIS A 43 -21.11 -3.33 13.57
N ASN A 44 -21.79 -2.64 12.65
CA ASN A 44 -22.83 -1.65 13.07
C ASN A 44 -23.97 -2.34 13.82
N HIS A 45 -24.36 -3.56 13.40
CA HIS A 45 -25.45 -4.31 14.06
C HIS A 45 -25.05 -4.66 15.47
N GLY A 46 -23.77 -4.96 15.68
CA GLY A 46 -23.18 -5.19 16.97
C GLY A 46 -23.25 -6.61 17.48
N SER A 47 -23.84 -7.51 16.68
CA SER A 47 -23.93 -8.92 16.99
C SER A 47 -24.02 -9.73 15.64
N PRO A 48 -23.71 -11.03 15.66
CA PRO A 48 -23.88 -11.86 14.42
C PRO A 48 -25.26 -11.81 13.83
N MET A 49 -25.36 -11.85 12.49
CA MET A 49 -26.63 -11.69 11.80
C MET A 49 -26.97 -12.92 10.94
N THR A 50 -28.23 -13.22 10.84
CA THR A 50 -28.66 -14.31 9.96
C THR A 50 -28.45 -13.89 8.50
N LEU A 51 -28.52 -14.88 7.60
CA LEU A 51 -28.44 -14.60 6.15
C LEU A 51 -29.52 -13.61 5.73
N SER A 52 -30.76 -13.82 6.22
CA SER A 52 -31.89 -12.93 5.90
CA SER A 52 -31.86 -12.90 5.83
CA SER A 52 -31.89 -12.91 5.90
C SER A 52 -31.68 -11.49 6.38
N GLU A 53 -31.19 -11.36 7.60
CA GLU A 53 -30.94 -10.03 8.16
C GLU A 53 -29.85 -9.30 7.39
N LEU A 54 -28.77 -10.03 7.04
CA LEU A 54 -27.71 -9.41 6.25
C LEU A 54 -28.27 -8.95 4.92
N SER A 55 -29.07 -9.80 4.30
CA SER A 55 -29.62 -9.50 2.97
CA SER A 55 -29.62 -9.52 2.96
C SER A 55 -30.40 -8.21 2.97
N LEU A 56 -31.18 -7.99 4.04
CA LEU A 56 -32.05 -6.80 4.13
C LEU A 56 -31.24 -5.48 4.19
N HIS A 57 -29.93 -5.60 4.49
CA HIS A 57 -29.10 -4.41 4.68
C HIS A 57 -28.07 -4.16 3.63
N LEU A 58 -28.08 -5.00 2.57
CA LEU A 58 -27.05 -4.93 1.54
C LEU A 58 -27.20 -3.65 0.68
N PRO A 59 -26.16 -3.29 -0.07
CA PRO A 59 -26.18 -2.02 -0.82
C PRO A 59 -27.30 -1.83 -1.83
N SER A 60 -27.87 -2.95 -2.33
CA SER A 60 -28.99 -2.82 -3.27
C SER A 60 -29.86 -4.07 -3.16
N GLN A 61 -31.07 -3.96 -3.79
CA GLN A 61 -32.07 -5.05 -3.82
C GLN A 61 -32.46 -5.33 -5.25
N PRO A 62 -32.80 -6.60 -5.58
CA PRO A 62 -32.88 -7.76 -4.72
C PRO A 62 -31.53 -8.46 -4.52
N VAL A 63 -31.56 -9.48 -3.66
CA VAL A 63 -30.36 -10.22 -3.26
C VAL A 63 -30.54 -11.71 -3.56
N ASN A 64 -29.50 -12.28 -4.19
CA ASN A 64 -29.50 -13.73 -4.42
C ASN A 64 -28.90 -14.37 -3.18
N GLN A 65 -29.74 -14.92 -2.33
CA GLN A 65 -29.28 -15.38 -1.01
C GLN A 65 -28.44 -16.66 -1.11
N ASP A 66 -28.71 -17.47 -2.14
CA ASP A 66 -27.84 -18.66 -2.38
C ASP A 66 -26.38 -18.18 -2.63
N ALA A 67 -26.22 -17.22 -3.50
CA ALA A 67 -24.90 -16.68 -3.80
C ALA A 67 -24.24 -16.05 -2.59
N LEU A 68 -25.03 -15.33 -1.79
CA LEU A 68 -24.52 -14.72 -0.59
C LEU A 68 -24.04 -15.78 0.41
N TYR A 69 -24.85 -16.84 0.57
CA TYR A 69 -24.47 -17.94 1.46
C TYR A 69 -23.12 -18.54 1.05
N ARG A 70 -22.95 -18.73 -0.26
CA ARG A 70 -21.76 -19.44 -0.75
C ARG A 70 -20.51 -18.56 -0.67
N VAL A 71 -20.65 -17.25 -0.86
CA VAL A 71 -19.53 -16.31 -0.65
C VAL A 71 -19.19 -16.24 0.84
N LEU A 72 -20.21 -16.18 1.71
CA LEU A 72 -19.96 -16.20 3.13
C LEU A 72 -19.22 -17.48 3.57
N ARG A 73 -19.62 -18.64 2.98
CA ARG A 73 -18.93 -19.91 3.30
C ARG A 73 -17.42 -19.84 3.00
N TYR A 74 -17.07 -19.20 1.88
CA TYR A 74 -15.68 -19.00 1.50
C TYR A 74 -14.99 -18.02 2.49
N LEU A 75 -15.70 -16.95 2.85
CA LEU A 75 -15.15 -15.94 3.77
C LEU A 75 -14.92 -16.51 5.19
N VAL A 76 -15.79 -17.44 5.59
CA VAL A 76 -15.62 -18.10 6.89
C VAL A 76 -14.38 -18.99 6.85
N HIS A 77 -14.16 -19.69 5.72
CA HIS A 77 -12.95 -20.54 5.58
C HIS A 77 -11.67 -19.72 5.56
N MET A 78 -11.75 -18.48 5.03
CA MET A 78 -10.63 -17.52 5.10
C MET A 78 -10.33 -17.08 6.54
N LYS A 79 -11.27 -17.37 7.46
CA LYS A 79 -11.17 -16.92 8.87
C LYS A 79 -11.19 -15.40 8.95
N LEU A 80 -11.97 -14.78 8.05
CA LEU A 80 -12.28 -13.35 8.14
C LEU A 80 -13.61 -13.16 8.81
N PHE A 81 -14.54 -14.06 8.50
CA PHE A 81 -15.87 -14.06 9.12
C PHE A 81 -16.13 -15.36 9.90
N THR A 82 -17.14 -15.34 10.73
CA THR A 82 -17.49 -16.54 11.53
C THR A 82 -18.92 -16.94 11.24
N LYS A 83 -19.24 -18.21 11.57
CA LYS A 83 -20.57 -18.74 11.41
C LYS A 83 -20.85 -19.65 12.60
N SER A 84 -21.98 -19.42 13.22
CA SER A 84 -22.36 -20.27 14.38
C SER A 84 -23.84 -20.41 14.50
N SER A 85 -24.25 -21.47 15.22
CA SER A 85 -25.66 -21.65 15.61
CA SER A 85 -25.65 -21.66 15.62
C SER A 85 -25.96 -20.93 16.93
N ILE A 86 -26.88 -19.99 16.89
CA ILE A 86 -27.23 -19.18 18.09
C ILE A 86 -28.74 -19.09 18.23
N ASP A 87 -29.22 -19.58 19.38
CA ASP A 87 -30.68 -19.58 19.67
C ASP A 87 -31.49 -20.14 18.51
N GLY A 88 -30.99 -21.22 17.91
CA GLY A 88 -31.68 -21.89 16.82
C GLY A 88 -31.51 -21.35 15.41
N GLU A 89 -30.54 -20.43 15.21
CA GLU A 89 -30.31 -19.87 13.89
C GLU A 89 -28.84 -19.79 13.57
N LEU A 90 -28.52 -19.83 12.27
CA LEU A 90 -27.12 -19.66 11.78
C LEU A 90 -26.83 -18.16 11.59
N ARG A 91 -25.82 -17.68 12.27
CA ARG A 91 -25.50 -16.26 12.26
C ARG A 91 -24.05 -16.03 11.94
N TYR A 92 -23.83 -14.93 11.21
CA TYR A 92 -22.54 -14.58 10.72
C TYR A 92 -21.94 -13.41 11.46
N GLY A 93 -20.73 -13.61 11.93
CA GLY A 93 -19.98 -12.56 12.63
C GLY A 93 -18.62 -12.29 12.06
N LEU A 94 -17.84 -11.49 12.79
CA LEU A 94 -16.50 -11.08 12.38
C LEU A 94 -15.43 -11.83 13.16
N ALA A 95 -14.42 -12.30 12.48
CA ALA A 95 -13.24 -12.84 13.14
C ALA A 95 -12.28 -11.64 13.36
N PRO A 96 -11.25 -11.82 14.19
CA PRO A 96 -10.31 -10.70 14.49
C PRO A 96 -9.68 -9.95 13.28
N PRO A 97 -9.22 -10.64 12.23
CA PRO A 97 -8.69 -9.86 11.10
C PRO A 97 -9.72 -8.99 10.35
N ALA A 98 -11.00 -9.27 10.54
CA ALA A 98 -12.04 -8.45 9.87
C ALA A 98 -12.09 -7.00 10.40
N LYS A 99 -11.44 -6.77 11.56
CA LYS A 99 -11.36 -5.39 12.06
C LYS A 99 -10.76 -4.40 11.02
N PHE A 100 -9.88 -4.91 10.15
CA PHE A 100 -9.29 -4.05 9.09
C PHE A 100 -10.22 -3.75 7.98
N LEU A 101 -11.42 -4.41 8.00
CA LEU A 101 -12.47 -4.12 6.97
C LEU A 101 -13.54 -3.21 7.55
N VAL A 102 -13.39 -2.86 8.85
CA VAL A 102 -14.35 -2.01 9.58
C VAL A 102 -13.89 -0.56 9.43
N LYS A 103 -14.82 0.27 9.02
CA LYS A 103 -14.59 1.74 8.82
C LYS A 103 -14.49 2.48 10.14
N GLY A 104 -13.86 3.65 10.06
CA GLY A 104 -13.90 4.57 11.21
C GLY A 104 -12.64 4.64 12.06
N TRP A 105 -11.54 4.03 11.57
CA TRP A 105 -10.26 4.09 12.32
C TRP A 105 -9.08 4.02 11.36
N ASP A 106 -7.89 4.38 11.88
CA ASP A 106 -6.76 4.58 11.00
C ASP A 106 -6.30 3.32 10.27
N LYS A 107 -6.59 2.13 10.83
CA LYS A 107 -6.13 0.86 10.20
C LYS A 107 -7.20 0.17 9.34
N CYS A 108 -8.29 0.88 9.06
CA CYS A 108 -9.26 0.38 8.05
C CYS A 108 -8.50 0.34 6.72
N MET A 109 -8.54 -0.81 6.04
CA MET A 109 -7.72 -0.98 4.84
C MET A 109 -8.53 -0.98 3.53
N LEU A 110 -9.75 -0.48 3.59
CA LEU A 110 -10.68 -0.56 2.48
C LEU A 110 -10.21 0.19 1.21
N GLY A 111 -9.64 1.35 1.38
CA GLY A 111 -9.16 2.15 0.21
C GLY A 111 -8.07 1.37 -0.53
N ALA A 112 -7.14 0.78 0.22
CA ALA A 112 -6.06 0.02 -0.39
C ALA A 112 -6.60 -1.21 -1.14
N ILE A 113 -7.55 -1.92 -0.49
CA ILE A 113 -8.14 -3.11 -1.12
C ILE A 113 -8.75 -2.75 -2.49
N LEU A 114 -9.53 -1.67 -2.51
CA LEU A 114 -10.23 -1.27 -3.76
C LEU A 114 -9.25 -0.77 -4.86
N THR A 115 -8.12 -0.18 -4.44
CA THR A 115 -7.10 0.17 -5.42
C THR A 115 -6.41 -1.08 -5.99
N ILE A 116 -5.92 -1.93 -5.11
CA ILE A 116 -5.07 -3.01 -5.56
C ILE A 116 -5.84 -4.07 -6.34
N THR A 117 -7.10 -4.30 -5.96
CA THR A 117 -7.90 -5.35 -6.62
C THR A 117 -8.77 -4.83 -7.80
N ASP A 118 -8.59 -3.57 -8.16
CA ASP A 118 -9.24 -3.02 -9.36
C ASP A 118 -8.80 -3.76 -10.59
N LYS A 119 -9.79 -4.10 -11.47
CA LYS A 119 -9.47 -4.90 -12.62
C LYS A 119 -8.38 -4.31 -13.53
N ASP A 120 -8.53 -3.03 -13.91
CA ASP A 120 -7.51 -2.37 -14.74
C ASP A 120 -6.16 -2.36 -14.05
N PHE A 121 -6.14 -2.09 -12.74
CA PHE A 121 -4.86 -2.01 -11.99
C PHE A 121 -4.23 -3.39 -11.75
N MET A 122 -5.00 -4.47 -11.94
CA MET A 122 -4.41 -5.80 -11.91
C MET A 122 -3.83 -6.21 -13.21
N ALA A 123 -4.30 -5.56 -14.32
CA ALA A 123 -3.86 -6.02 -15.68
C ALA A 123 -2.37 -6.10 -15.89
N PRO A 124 -1.53 -5.16 -15.35
CA PRO A 124 -0.12 -5.28 -15.58
C PRO A 124 0.52 -6.60 -15.16
N TRP A 125 -0.06 -7.26 -14.15
CA TRP A 125 0.52 -8.51 -13.64
C TRP A 125 0.46 -9.64 -14.67
N HIS A 126 -0.43 -9.50 -15.67
CA HIS A 126 -0.48 -10.46 -16.78
C HIS A 126 0.62 -10.34 -17.78
N TYR A 127 1.48 -9.31 -17.60
CA TYR A 127 2.59 -9.07 -18.51
C TYR A 127 3.94 -9.30 -17.84
N LEU A 128 3.94 -10.09 -16.75
CA LEU A 128 5.13 -10.37 -16.01
C LEU A 128 6.20 -11.12 -16.87
N LYS A 129 5.76 -12.11 -17.67
CA LYS A 129 6.68 -12.83 -18.57
C LYS A 129 7.37 -11.87 -19.50
N GLU A 130 6.60 -10.89 -20.01
CA GLU A 130 7.16 -9.89 -20.93
C GLU A 130 8.07 -8.92 -20.24
N GLY A 131 8.08 -8.93 -18.89
CA GLY A 131 9.06 -8.08 -18.15
C GLY A 131 10.42 -8.75 -18.08
N ILE A 132 10.44 -10.07 -18.29
CA ILE A 132 11.72 -10.79 -18.34
C ILE A 132 12.16 -10.95 -19.80
N LEU A 133 11.25 -11.44 -20.63
CA LEU A 133 11.57 -11.64 -22.08
C LEU A 133 11.00 -10.43 -22.83
N ASN A 134 11.72 -9.32 -22.74
CA ASN A 134 11.24 -7.97 -23.12
CA ASN A 134 11.07 -8.05 -23.12
C ASN A 134 11.13 -7.78 -24.62
N ASP A 135 11.68 -8.72 -25.39
CA ASP A 135 11.72 -8.57 -26.89
C ASP A 135 12.30 -7.18 -27.25
N GLY A 136 13.21 -6.68 -26.40
CA GLY A 136 13.83 -5.38 -26.59
C GLY A 136 12.87 -4.19 -26.51
N SER A 137 11.77 -4.35 -25.74
CA SER A 137 10.98 -3.18 -25.29
C SER A 137 11.45 -2.63 -23.93
N THR A 138 11.41 -1.34 -23.79
CA THR A 138 11.83 -0.80 -22.55
C THR A 138 10.58 -0.37 -21.71
N SER A 139 9.36 -0.53 -22.25
CA SER A 139 8.18 -0.03 -21.52
C SER A 139 7.87 -0.87 -20.27
N THR A 140 7.19 -0.23 -19.30
CA THR A 140 6.76 -1.00 -18.13
C THR A 140 5.58 -1.88 -18.54
N ALA A 141 5.31 -2.89 -17.72
CA ALA A 141 4.10 -3.72 -17.90
C ALA A 141 2.83 -2.87 -17.82
N PHE A 142 2.85 -1.79 -16.99
CA PHE A 142 1.71 -0.90 -16.88
C PHE A 142 1.43 -0.26 -18.26
N GLU A 143 2.50 0.19 -18.90
CA GLU A 143 2.36 0.79 -20.25
C GLU A 143 1.88 -0.25 -21.28
N LYS A 144 2.38 -1.49 -21.21
CA LYS A 144 1.95 -2.56 -22.12
CA LYS A 144 1.93 -2.55 -22.14
C LYS A 144 0.47 -2.86 -21.96
N ALA A 145 0.00 -2.83 -20.71
CA ALA A 145 -1.39 -3.20 -20.40
C ALA A 145 -2.38 -2.06 -20.60
N LEU A 146 -1.94 -0.84 -20.26
CA LEU A 146 -2.90 0.28 -20.18
C LEU A 146 -2.54 1.45 -21.10
N GLY A 147 -1.40 1.36 -21.77
CA GLY A 147 -1.13 2.28 -22.90
C GLY A 147 -0.02 3.24 -22.70
N THR A 148 0.13 3.76 -21.48
CA THR A 148 1.24 4.72 -21.22
C THR A 148 1.76 4.52 -19.77
N ASN A 149 2.77 5.29 -19.41
CA ASN A 149 3.31 5.19 -18.03
C ASN A 149 2.29 5.59 -16.99
N ILE A 150 2.48 5.02 -15.79
CA ILE A 150 1.45 5.17 -14.73
C ILE A 150 1.06 6.65 -14.50
N TRP A 151 2.06 7.54 -14.36
CA TRP A 151 1.71 8.91 -13.89
C TRP A 151 0.94 9.68 -15.00
N ASP A 152 1.37 9.53 -16.24
CA ASP A 152 0.59 10.16 -17.37
C ASP A 152 -0.76 9.50 -17.50
N TYR A 153 -0.85 8.19 -17.21
CA TYR A 153 -2.15 7.50 -17.27
C TYR A 153 -3.10 8.13 -16.26
N MET A 154 -2.57 8.37 -15.05
CA MET A 154 -3.41 8.99 -13.99
C MET A 154 -3.87 10.37 -14.45
N ALA A 155 -2.96 11.11 -15.14
CA ALA A 155 -3.32 12.48 -15.61
C ALA A 155 -4.43 12.44 -16.62
N GLU A 156 -4.65 11.27 -17.27
CA GLU A 156 -5.66 11.19 -18.38
C GLU A 156 -6.86 10.36 -17.99
N HIS A 157 -6.88 9.92 -16.72
CA HIS A 157 -7.99 9.09 -16.26
C HIS A 157 -8.41 9.53 -14.87
N PRO A 158 -9.27 10.56 -14.77
CA PRO A 158 -9.59 11.15 -13.46
C PRO A 158 -10.17 10.20 -12.42
N GLU A 159 -11.04 9.24 -12.84
CA GLU A 159 -11.59 8.32 -11.84
C GLU A 159 -10.46 7.38 -11.33
N LYS A 160 -9.59 6.97 -12.26
CA LYS A 160 -8.46 6.09 -11.82
C LYS A 160 -7.50 6.85 -10.94
N ASN A 161 -7.23 8.10 -11.30
CA ASN A 161 -6.43 8.97 -10.47
C ASN A 161 -6.96 9.06 -9.06
N GLN A 162 -8.27 9.27 -8.95
CA GLN A 162 -8.89 9.37 -7.64
C GLN A 162 -8.79 8.06 -6.85
N LEU A 163 -9.11 6.93 -7.53
CA LEU A 163 -9.03 5.61 -6.85
C LEU A 163 -7.64 5.32 -6.34
N PHE A 164 -6.60 5.61 -7.17
CA PHE A 164 -5.24 5.39 -6.74
C PHE A 164 -4.82 6.34 -5.61
N ASN A 165 -5.15 7.62 -5.74
CA ASN A 165 -4.80 8.60 -4.70
C ASN A 165 -5.43 8.27 -3.34
N GLU A 166 -6.63 7.70 -3.38
CA GLU A 166 -7.29 7.29 -2.11
C GLU A 166 -6.65 6.01 -1.55
N GLY A 167 -6.13 5.13 -2.43
CA GLY A 167 -5.35 3.98 -1.94
C GLY A 167 -4.11 4.44 -1.20
N MET A 168 -3.43 5.42 -1.80
CA MET A 168 -2.25 6.00 -1.16
C MET A 168 -2.62 6.75 0.14
N ALA A 169 -3.71 7.49 0.10
CA ALA A 169 -4.23 8.08 1.33
C ALA A 169 -4.39 7.04 2.42
N ASN A 170 -5.00 5.91 2.08
CA ASN A 170 -5.18 4.84 3.03
C ASN A 170 -3.85 4.34 3.54
N ASP A 171 -2.93 4.01 2.61
CA ASP A 171 -1.61 3.50 2.98
C ASP A 171 -0.94 4.41 4.03
N THR A 172 -1.08 5.71 3.83
CA THR A 172 -0.47 6.70 4.73
C THR A 172 -1.24 6.74 6.08
N ARG A 173 -2.57 6.60 6.05
CA ARG A 173 -3.35 6.55 7.31
C ARG A 173 -2.88 5.44 8.21
N LEU A 174 -2.42 4.33 7.61
CA LEU A 174 -1.99 3.16 8.38
C LEU A 174 -0.77 3.48 9.27
N ILE A 175 0.02 4.48 8.90
CA ILE A 175 1.32 4.68 9.61
C ILE A 175 1.44 5.99 10.37
N MET A 176 0.53 6.94 10.12
CA MET A 176 0.68 8.29 10.71
C MET A 176 0.75 8.35 12.23
N SER A 177 -0.06 7.52 12.90
CA SER A 177 -0.07 7.48 14.34
CA SER A 177 -0.08 7.51 14.35
C SER A 177 1.28 7.10 14.91
N ALA A 178 1.83 6.00 14.42
CA ALA A 178 3.17 5.56 14.82
C ALA A 178 4.20 6.60 14.45
N LEU A 179 4.09 7.22 13.24
CA LEU A 179 5.02 8.20 12.84
C LEU A 179 5.08 9.40 13.78
N VAL A 180 3.96 10.06 14.05
CA VAL A 180 3.94 11.27 14.84
C VAL A 180 4.17 11.05 16.38
N LYS A 181 3.99 9.82 16.84
CA LYS A 181 4.14 9.46 18.22
C LYS A 181 5.51 8.88 18.48
N GLU A 182 5.83 7.73 17.90
CA GLU A 182 7.13 7.15 18.03
C GLU A 182 8.28 8.00 17.49
N CYS A 183 8.03 8.73 16.38
CA CYS A 183 9.09 9.47 15.76
C CYS A 183 8.93 11.00 15.98
N SER A 184 8.23 11.40 17.05
CA SER A 184 8.04 12.83 17.35
CA SER A 184 8.04 12.82 17.38
C SER A 184 9.34 13.64 17.36
N SER A 185 10.46 13.03 17.82
CA SER A 185 11.73 13.74 17.96
C SER A 185 12.32 14.17 16.61
N MET A 186 11.89 13.51 15.53
CA MET A 186 12.35 13.85 14.17
CA MET A 186 12.38 13.86 14.19
CA MET A 186 12.39 13.85 14.21
C MET A 186 11.82 15.21 13.78
N PHE A 187 10.72 15.61 14.39
CA PHE A 187 10.10 16.90 14.03
C PHE A 187 10.59 18.04 14.90
N ASP A 188 11.44 17.75 15.90
CA ASP A 188 12.00 18.82 16.74
C ASP A 188 12.77 19.85 15.98
N GLY A 189 12.47 21.13 16.29
CA GLY A 189 13.28 22.23 15.76
C GLY A 189 12.94 22.57 14.32
N ILE A 190 12.07 21.77 13.69
CA ILE A 190 11.72 22.01 12.27
C ILE A 190 10.67 23.11 12.26
N THR A 191 10.85 24.10 11.36
CA THR A 191 9.86 25.16 11.19
C THR A 191 9.04 25.01 9.88
N THR A 192 9.61 24.23 8.96
CA THR A 192 8.97 24.01 7.65
C THR A 192 9.27 22.59 7.22
N ILE A 193 8.25 21.92 6.63
CA ILE A 193 8.49 20.60 6.05
C ILE A 193 7.70 20.51 4.71
N VAL A 194 8.36 19.92 3.71
CA VAL A 194 7.64 19.70 2.40
C VAL A 194 7.57 18.18 2.18
N ASP A 195 6.33 17.73 1.90
CA ASP A 195 6.12 16.30 1.58
C ASP A 195 6.14 16.17 0.07
N VAL A 196 7.30 15.73 -0.44
CA VAL A 196 7.53 15.63 -1.91
C VAL A 196 6.82 14.37 -2.43
N GLY A 197 5.99 14.57 -3.46
CA GLY A 197 5.10 13.48 -3.93
C GLY A 197 4.10 13.12 -2.86
N GLY A 198 3.66 14.14 -2.09
CA GLY A 198 2.79 13.91 -0.91
C GLY A 198 1.35 13.56 -1.18
N GLY A 199 0.99 13.38 -2.44
CA GLY A 199 -0.37 12.88 -2.80
C GLY A 199 -1.40 13.92 -2.43
N THR A 200 -2.56 13.42 -1.99
CA THR A 200 -3.70 14.28 -1.69
C THR A 200 -3.64 14.87 -0.26
N GLY A 201 -2.48 14.74 0.40
CA GLY A 201 -2.21 15.54 1.63
C GLY A 201 -2.43 14.89 2.99
N THR A 202 -2.71 13.55 3.00
CA THR A 202 -2.93 12.89 4.26
C THR A 202 -1.78 13.08 5.24
N ALA A 203 -0.57 12.90 4.77
CA ALA A 203 0.63 12.94 5.64
C ALA A 203 0.77 14.39 6.21
N VAL A 204 0.68 15.39 5.36
CA VAL A 204 0.83 16.80 5.85
C VAL A 204 -0.28 17.23 6.75
N ARG A 205 -1.54 16.81 6.47
CA ARG A 205 -2.64 17.18 7.34
C ARG A 205 -2.44 16.60 8.74
N ASN A 206 -1.90 15.41 8.83
CA ASN A 206 -1.65 14.76 10.12
C ASN A 206 -0.45 15.37 10.83
N ILE A 207 0.62 15.67 10.09
CA ILE A 207 1.79 16.32 10.71
CA ILE A 207 1.80 16.35 10.65
C ILE A 207 1.36 17.72 11.24
N ALA A 208 0.64 18.46 10.41
CA ALA A 208 0.21 19.83 10.77
C ALA A 208 -0.66 19.84 12.02
N LYS A 209 -1.50 18.81 12.15
CA LYS A 209 -2.35 18.69 13.40
C LYS A 209 -1.49 18.32 14.64
N ALA A 210 -0.49 17.45 14.47
CA ALA A 210 0.30 16.98 15.61
C ALA A 210 1.31 18.10 16.02
N PHE A 211 1.74 18.88 15.05
CA PHE A 211 2.80 19.91 15.24
C PHE A 211 2.37 21.28 14.69
N PRO A 212 1.56 22.02 15.46
CA PRO A 212 0.87 23.22 14.98
C PRO A 212 1.80 24.36 14.63
N HIS A 213 3.02 24.29 15.09
CA HIS A 213 4.01 25.36 14.79
C HIS A 213 4.86 25.10 13.56
N ILE A 214 4.71 23.93 12.93
CA ILE A 214 5.43 23.65 11.63
C ILE A 214 4.56 24.04 10.45
N LYS A 215 5.13 24.84 9.53
CA LYS A 215 4.44 25.25 8.31
C LYS A 215 4.67 24.09 7.29
N CYS A 216 3.59 23.41 6.95
CA CYS A 216 3.69 22.20 6.09
C CYS A 216 3.35 22.54 4.67
N THR A 217 4.00 21.82 3.74
CA THR A 217 3.72 21.96 2.32
C THR A 217 3.55 20.54 1.72
N VAL A 218 2.50 20.38 0.89
CA VAL A 218 2.38 19.20 0.05
C VAL A 218 2.73 19.59 -1.39
N TYR A 219 3.51 18.72 -2.03
CA TYR A 219 4.01 18.98 -3.39
C TYR A 219 3.79 17.70 -4.20
N ASP A 220 3.12 17.84 -5.36
CA ASP A 220 2.91 16.65 -6.22
C ASP A 220 2.64 17.16 -7.62
N LEU A 221 2.34 16.25 -8.54
CA LEU A 221 2.03 16.65 -9.92
C LEU A 221 0.70 17.36 -9.99
N PRO A 222 0.51 18.21 -11.03
CA PRO A 222 -0.73 18.99 -11.10
C PRO A 222 -2.01 18.12 -10.98
N HIS A 223 -2.06 16.97 -11.66
CA HIS A 223 -3.34 16.20 -11.63
C HIS A 223 -3.64 15.61 -10.28
N VAL A 224 -2.60 15.51 -9.41
CA VAL A 224 -2.84 15.04 -8.02
C VAL A 224 -3.29 16.20 -7.15
N ILE A 225 -2.61 17.33 -7.26
CA ILE A 225 -3.07 18.52 -6.50
C ILE A 225 -4.50 18.89 -6.90
N ALA A 226 -4.87 18.67 -8.16
CA ALA A 226 -6.21 18.93 -8.62
C ALA A 226 -7.24 18.02 -7.98
N ASP A 227 -6.79 16.86 -7.49
CA ASP A 227 -7.67 15.88 -6.81
C ASP A 227 -7.55 16.00 -5.32
N SER A 228 -7.15 17.19 -4.82
CA SER A 228 -6.95 17.39 -3.41
C SER A 228 -7.94 18.45 -2.90
N PRO A 229 -8.29 18.37 -1.61
CA PRO A 229 -9.15 19.40 -1.02
C PRO A 229 -8.34 20.66 -0.84
N GLY A 230 -9.01 21.79 -0.73
CA GLY A 230 -8.32 23.05 -0.54
C GLY A 230 -7.64 23.11 0.83
N TYR A 231 -6.60 23.92 0.91
CA TYR A 231 -5.83 24.07 2.11
C TYR A 231 -5.91 25.53 2.62
N THR A 232 -5.86 25.70 3.95
CA THR A 232 -5.82 27.03 4.60
C THR A 232 -4.38 27.38 5.04
N GLU A 233 -3.87 26.59 5.97
CA GLU A 233 -2.59 26.89 6.60
C GLU A 233 -1.45 26.08 5.98
N ILE A 234 -1.81 25.10 5.17
CA ILE A 234 -0.82 24.20 4.47
C ILE A 234 -0.65 24.67 3.04
N ASN A 235 0.60 24.86 2.63
CA ASN A 235 0.89 25.25 1.24
C ASN A 235 0.70 23.99 0.34
N SER A 236 0.00 24.18 -0.78
CA SER A 236 -0.09 23.12 -1.79
C SER A 236 0.56 23.67 -3.04
N ILE A 237 1.58 22.96 -3.52
CA ILE A 237 2.34 23.36 -4.67
CA ILE A 237 2.20 23.40 -4.77
C ILE A 237 2.32 22.22 -5.72
N GLN A 238 2.24 22.54 -7.00
CA GLN A 238 2.29 21.52 -8.03
C GLN A 238 3.53 21.70 -8.84
N GLY A 239 4.08 20.60 -9.31
CA GLY A 239 5.28 20.66 -10.14
C GLY A 239 5.90 19.31 -10.35
N ASP A 240 7.17 19.31 -10.74
CA ASP A 240 7.91 18.10 -11.10
C ASP A 240 9.14 18.02 -10.20
N MET A 241 9.20 16.98 -9.33
CA MET A 241 10.30 16.88 -8.38
C MET A 241 11.68 16.64 -8.99
N PHE A 242 11.74 16.21 -10.25
CA PHE A 242 13.01 16.07 -10.97
C PHE A 242 13.58 17.42 -11.37
N LYS A 243 12.72 18.44 -11.37
CA LYS A 243 13.24 19.84 -11.72
C LYS A 243 13.27 20.79 -10.55
N TYR A 244 12.46 20.56 -9.49
CA TYR A 244 12.35 21.53 -8.39
C TYR A 244 11.84 20.79 -7.14
N ILE A 245 12.50 20.99 -6.01
CA ILE A 245 11.94 20.60 -4.71
C ILE A 245 11.88 21.86 -3.76
N PRO A 246 10.69 22.22 -3.29
CA PRO A 246 10.54 23.44 -2.42
C PRO A 246 11.46 23.31 -1.23
N ASN A 247 12.23 24.35 -0.95
CA ASN A 247 13.21 24.33 0.15
C ASN A 247 12.49 24.41 1.49
N ALA A 248 13.02 23.68 2.48
CA ALA A 248 12.43 23.65 3.80
C ALA A 248 13.46 23.07 4.77
N ASP A 249 13.12 23.11 6.08
CA ASP A 249 14.04 22.55 7.12
C ASP A 249 14.16 21.05 6.95
N ALA A 250 13.06 20.42 6.48
CA ALA A 250 13.06 18.98 6.26
C ALA A 250 12.23 18.64 5.05
N ILE A 251 12.63 17.55 4.38
CA ILE A 251 11.83 17.02 3.26
C ILE A 251 11.42 15.63 3.69
N MET A 252 10.17 15.25 3.40
CA MET A 252 9.76 13.84 3.61
C MET A 252 9.35 13.30 2.24
N MET A 253 9.70 12.03 2.04
CA MET A 253 9.24 11.27 0.84
C MET A 253 8.77 9.93 1.27
N LYS A 254 7.43 9.72 1.20
CA LYS A 254 6.89 8.38 1.52
C LYS A 254 6.46 7.70 0.24
N CYS A 255 6.94 6.48 0.03
CA CYS A 255 6.55 5.65 -1.13
C CYS A 255 6.86 6.40 -2.43
N ILE A 256 7.97 7.11 -2.44
CA ILE A 256 8.46 7.84 -3.64
C ILE A 256 9.63 7.11 -4.25
N LEU A 257 10.72 6.96 -3.50
CA LEU A 257 11.90 6.37 -4.04
C LEU A 257 11.74 4.94 -4.54
N HIS A 258 10.80 4.19 -3.98
CA HIS A 258 10.58 2.82 -4.50
C HIS A 258 9.92 2.83 -5.89
N ASP A 259 9.52 4.01 -6.38
CA ASP A 259 8.95 4.14 -7.77
C ASP A 259 10.02 4.24 -8.85
N TRP A 260 11.28 4.42 -8.44
CA TRP A 260 12.34 4.88 -9.36
C TRP A 260 13.59 4.01 -9.32
N ASP A 261 14.25 3.93 -10.47
CA ASP A 261 15.52 3.18 -10.54
C ASP A 261 16.64 3.99 -9.81
N ASP A 262 17.83 3.35 -9.64
CA ASP A 262 18.88 3.98 -8.81
C ASP A 262 19.34 5.34 -9.33
N LYS A 263 19.49 5.45 -10.66
CA LYS A 263 19.94 6.75 -11.26
C LYS A 263 18.93 7.87 -10.95
N GLU A 264 17.66 7.55 -11.09
CA GLU A 264 16.59 8.50 -10.79
C GLU A 264 16.56 8.84 -9.28
N CYS A 265 16.70 7.83 -8.43
CA CYS A 265 16.70 8.06 -7.01
C CYS A 265 17.82 8.99 -6.58
N ILE A 266 19.01 8.78 -7.19
CA ILE A 266 20.14 9.62 -6.84
C ILE A 266 19.85 11.09 -7.27
N GLU A 267 19.24 11.26 -8.43
CA GLU A 267 18.85 12.62 -8.92
C GLU A 267 17.86 13.30 -7.92
N ILE A 268 16.86 12.54 -7.49
CA ILE A 268 15.88 13.05 -6.51
C ILE A 268 16.55 13.33 -5.16
N LEU A 269 17.38 12.41 -4.68
CA LEU A 269 18.05 12.59 -3.39
C LEU A 269 19.04 13.76 -3.35
N LYS A 270 19.72 13.99 -4.46
CA LYS A 270 20.60 15.17 -4.58
C LYS A 270 19.78 16.48 -4.53
N ARG A 271 18.67 16.54 -5.26
CA ARG A 271 17.74 17.68 -5.26
C ARG A 271 17.21 17.95 -3.82
N CYS A 272 16.93 16.87 -3.08
CA CYS A 272 16.46 17.02 -1.68
C CYS A 272 17.57 17.50 -0.77
N LYS A 273 18.79 16.96 -0.94
CA LYS A 273 19.94 17.32 -0.08
C LYS A 273 20.21 18.83 -0.17
N ASP A 274 20.06 19.36 -1.38
CA ASP A 274 20.33 20.78 -1.63
C ASP A 274 19.13 21.66 -1.29
N ALA A 275 18.00 21.06 -0.92
CA ALA A 275 16.81 21.84 -0.51
C ALA A 275 16.74 22.09 1.01
N VAL A 276 17.56 21.38 1.81
CA VAL A 276 17.49 21.49 3.25
C VAL A 276 18.76 22.17 3.80
N PRO A 277 18.67 22.72 5.01
CA PRO A 277 19.85 23.45 5.50
C PRO A 277 21.01 22.56 5.91
N ARG A 278 22.23 23.08 5.68
CA ARG A 278 23.43 22.35 6.11
C ARG A 278 23.38 22.13 7.62
N ASP A 279 22.70 23.03 8.33
CA ASP A 279 22.61 23.06 9.81
C ASP A 279 21.34 22.38 10.33
N GLY A 280 21.43 21.05 10.46
CA GLY A 280 20.38 20.21 11.02
C GLY A 280 19.31 19.84 10.01
N GLY A 281 19.55 20.12 8.73
CA GLY A 281 18.55 19.69 7.67
C GLY A 281 18.50 18.16 7.65
N LYS A 282 17.36 17.59 7.18
CA LYS A 282 17.28 16.17 7.06
C LYS A 282 16.21 15.80 6.02
N VAL A 283 16.36 14.60 5.47
CA VAL A 283 15.43 14.09 4.46
C VAL A 283 14.84 12.82 5.09
N ILE A 284 13.52 12.77 5.17
CA ILE A 284 12.85 11.67 5.88
C ILE A 284 12.24 10.74 4.81
N ILE A 285 12.88 9.59 4.59
CA ILE A 285 12.42 8.61 3.62
C ILE A 285 11.58 7.56 4.33
N ILE A 286 10.36 7.34 3.80
CA ILE A 286 9.47 6.29 4.36
C ILE A 286 9.21 5.31 3.23
N ASP A 287 9.81 4.12 3.34
CA ASP A 287 9.68 3.09 2.31
C ASP A 287 10.05 1.77 2.94
N ILE A 288 9.74 0.67 2.22
CA ILE A 288 10.12 -0.68 2.69
C ILE A 288 11.62 -0.84 2.84
N ILE A 289 12.01 -1.55 3.86
CA ILE A 289 13.38 -2.16 3.91
C ILE A 289 13.17 -3.67 3.80
N LEU A 290 13.68 -4.24 2.75
CA LEU A 290 13.59 -5.71 2.48
CA LEU A 290 13.55 -5.69 2.53
C LEU A 290 14.65 -6.44 3.32
N ASP A 291 14.22 -7.43 4.12
CA ASP A 291 15.18 -8.30 4.80
C ASP A 291 15.26 -9.54 3.95
N VAL A 292 16.42 -9.79 3.45
CA VAL A 292 16.62 -11.02 2.61
C VAL A 292 17.35 -12.10 3.39
N LYS A 293 17.44 -11.93 4.71
CA LYS A 293 18.09 -12.96 5.55
C LYS A 293 17.14 -13.65 6.54
N SER A 294 16.11 -12.94 6.98
CA SER A 294 15.14 -13.54 7.91
CA SER A 294 15.17 -13.38 8.01
C SER A 294 13.73 -13.14 7.54
N GLU A 295 12.78 -13.81 8.19
CA GLU A 295 11.34 -13.67 7.80
C GLU A 295 10.60 -12.82 8.85
N HIS A 296 9.69 -11.97 8.38
CA HIS A 296 8.90 -11.08 9.23
C HIS A 296 7.44 -11.16 8.74
N PRO A 297 6.48 -10.69 9.59
CA PRO A 297 5.09 -10.71 9.16
C PRO A 297 4.89 -10.11 7.76
N TYR A 298 5.52 -8.98 7.49
CA TYR A 298 5.31 -8.28 6.19
C TYR A 298 6.26 -8.69 5.08
N THR A 299 7.12 -9.69 5.28
CA THR A 299 8.07 -10.13 4.26
C THR A 299 7.42 -10.49 2.91
N LYS A 300 6.37 -11.29 2.98
CA LYS A 300 5.71 -11.72 1.76
C LYS A 300 5.15 -10.52 1.01
N MET A 301 4.51 -9.62 1.78
N MET A 301 4.47 -9.62 1.72
CA MET A 301 3.90 -8.40 1.21
CA MET A 301 3.87 -8.51 0.91
C MET A 301 4.96 -7.55 0.51
C MET A 301 4.97 -7.51 0.46
N ARG A 302 6.10 -7.44 1.18
CA ARG A 302 7.18 -6.57 0.72
C ARG A 302 7.84 -7.09 -0.57
N LEU A 303 8.01 -8.41 -0.69
CA LEU A 303 8.50 -8.97 -1.92
C LEU A 303 7.47 -8.78 -3.04
N THR A 304 6.19 -8.86 -2.65
CA THR A 304 5.12 -8.59 -3.61
C THR A 304 5.19 -7.16 -4.13
N LEU A 305 5.44 -6.20 -3.21
CA LEU A 305 5.63 -4.78 -3.65
C LEU A 305 6.83 -4.57 -4.54
N ASP A 306 7.88 -5.43 -4.38
CA ASP A 306 9.02 -5.36 -5.28
C ASP A 306 8.60 -5.59 -6.74
N LEU A 307 7.78 -6.66 -6.93
CA LEU A 307 7.31 -6.92 -8.30
C LEU A 307 6.24 -5.95 -8.72
N ASP A 308 5.44 -5.45 -7.76
CA ASP A 308 4.43 -4.40 -8.04
C ASP A 308 5.17 -3.18 -8.61
N MET A 309 6.26 -2.79 -7.99
CA MET A 309 7.06 -1.67 -8.55
C MET A 309 7.60 -2.03 -9.93
N MET A 310 8.16 -3.23 -10.06
CA MET A 310 8.78 -3.63 -11.31
C MET A 310 7.75 -3.49 -12.45
N LEU A 311 6.50 -3.90 -12.21
CA LEU A 311 5.47 -3.89 -13.25
C LEU A 311 4.84 -2.52 -13.43
N ASN A 312 4.60 -1.80 -12.34
CA ASN A 312 3.78 -0.57 -12.43
C ASN A 312 4.53 0.75 -12.54
N THR A 313 5.69 0.83 -11.92
CA THR A 313 6.44 2.12 -11.82
C THR A 313 7.80 2.08 -12.45
N GLY A 314 8.42 0.90 -12.58
CA GLY A 314 9.84 0.85 -12.98
C GLY A 314 10.81 0.89 -11.82
N GLY A 315 10.26 0.89 -10.59
CA GLY A 315 11.10 0.92 -9.42
C GLY A 315 11.35 -0.43 -8.81
N LYS A 316 11.58 -0.44 -7.50
CA LYS A 316 12.00 -1.65 -6.79
C LYS A 316 11.87 -1.41 -5.29
N GLU A 317 11.83 -2.50 -4.50
CA GLU A 317 11.99 -2.37 -3.06
C GLU A 317 13.43 -2.78 -2.72
N ARG A 318 14.00 -2.10 -1.73
CA ARG A 318 15.42 -2.17 -1.45
C ARG A 318 15.75 -2.75 -0.09
N THR A 319 16.89 -3.49 -0.05
CA THR A 319 17.43 -3.95 1.21
C THR A 319 18.18 -2.77 1.89
N GLU A 320 18.56 -2.95 3.17
CA GLU A 320 19.37 -1.90 3.84
C GLU A 320 20.64 -1.61 3.08
N GLU A 321 21.34 -2.66 2.61
CA GLU A 321 22.56 -2.45 1.85
C GLU A 321 22.35 -1.63 0.58
N GLU A 322 21.21 -1.85 -0.10
CA GLU A 322 20.89 -1.08 -1.29
C GLU A 322 20.56 0.40 -0.95
N TRP A 323 19.84 0.58 0.14
CA TRP A 323 19.56 1.95 0.63
C TRP A 323 20.86 2.67 0.98
N LYS A 324 21.74 1.97 1.71
CA LYS A 324 23.06 2.56 2.08
C LYS A 324 23.81 3.02 0.88
N LYS A 325 23.89 2.20 -0.18
CA LYS A 325 24.58 2.59 -1.40
C LYS A 325 23.98 3.76 -2.10
N LEU A 326 22.62 3.78 -2.20
CA LEU A 326 21.99 4.88 -2.84
C LEU A 326 22.24 6.22 -2.06
N ILE A 327 22.04 6.18 -0.77
CA ILE A 327 22.20 7.37 0.09
C ILE A 327 23.67 7.83 0.05
N HIS A 328 24.58 6.87 0.01
CA HIS A 328 26.03 7.22 -0.15
C HIS A 328 26.30 7.92 -1.48
N ASP A 329 25.75 7.37 -2.56
CA ASP A 329 26.00 7.87 -3.92
C ASP A 329 25.40 9.23 -4.16
N ALA A 330 24.40 9.62 -3.34
CA ALA A 330 23.77 10.92 -3.47
C ALA A 330 24.55 11.96 -2.63
N GLY A 331 25.54 11.47 -1.88
CA GLY A 331 26.52 12.33 -1.18
C GLY A 331 26.14 12.72 0.25
N TYR A 332 25.25 11.94 0.89
CA TYR A 332 24.89 12.22 2.24
C TYR A 332 25.94 11.74 3.22
N LYS A 333 25.93 12.28 4.43
CA LYS A 333 26.88 11.94 5.47
C LYS A 333 26.52 10.60 6.16
N GLY A 334 25.24 10.38 6.42
CA GLY A 334 24.83 9.15 7.07
C GLY A 334 23.33 8.98 7.03
N TYR A 335 22.88 7.89 7.62
CA TYR A 335 21.42 7.60 7.66
C TYR A 335 21.09 6.91 8.97
N LYS A 336 19.86 7.00 9.38
CA LYS A 336 19.38 6.29 10.55
C LYS A 336 18.01 5.66 10.24
N ILE A 337 17.89 4.37 10.53
CA ILE A 337 16.61 3.66 10.38
C ILE A 337 15.85 3.59 11.63
N THR A 338 14.56 3.88 11.56
CA THR A 338 13.63 3.66 12.69
C THR A 338 12.52 2.77 12.20
N HIS A 339 12.35 1.64 12.86
CA HIS A 339 11.18 0.77 12.64
C HIS A 339 9.98 1.28 13.36
N ILE A 340 8.82 1.21 12.71
CA ILE A 340 7.54 1.70 13.25
C ILE A 340 6.42 0.63 13.18
N SER A 341 6.87 -0.62 13.17
CA SER A 341 5.95 -1.75 13.13
CA SER A 341 5.99 -1.80 13.07
C SER A 341 4.93 -1.65 11.99
N ALA A 342 5.37 -1.17 10.82
CA ALA A 342 4.50 -0.94 9.66
C ALA A 342 5.12 -1.68 8.45
N VAL A 343 4.45 -1.58 7.28
CA VAL A 343 5.05 -2.15 6.05
C VAL A 343 6.39 -1.40 5.74
N GLN A 344 6.33 -0.07 5.76
CA GLN A 344 7.50 0.78 5.56
C GLN A 344 8.26 1.02 6.83
N SER A 345 9.51 1.38 6.71
CA SER A 345 10.29 1.90 7.85
C SER A 345 10.62 3.35 7.57
N VAL A 346 11.20 4.02 8.58
CA VAL A 346 11.66 5.42 8.39
C VAL A 346 13.15 5.38 8.19
N ILE A 347 13.64 6.00 7.14
CA ILE A 347 15.10 6.15 6.91
C ILE A 347 15.38 7.66 6.88
N GLU A 348 16.03 8.17 7.94
CA GLU A 348 16.47 9.58 7.90
C GLU A 348 17.81 9.69 7.23
N ALA A 349 17.92 10.54 6.21
CA ALA A 349 19.14 10.70 5.49
C ALA A 349 19.67 12.09 5.84
N TYR A 350 20.93 12.13 6.25
CA TYR A 350 21.50 13.40 6.76
C TYR A 350 22.59 13.92 5.81
N PRO A 351 22.38 15.09 5.24
CA PRO A 351 23.51 15.81 4.53
C PRO A 351 24.63 16.29 5.46
N TYR A 352 25.76 16.71 4.85
CA TYR A 352 26.78 17.49 5.60
C TYR A 352 26.15 18.82 6.14
N SAH B . 3.48 10.02 -0.70
CA SAH B . 2.09 9.50 -0.98
CB SAH B . 1.94 8.99 -2.43
CG SAH B . 2.95 7.94 -2.83
SD SAH B . 2.64 7.40 -4.54
C SAH B . 1.83 8.34 -0.05
O SAH B . 0.65 8.08 0.25
OXT SAH B . 2.75 7.66 0.46
C5' SAH B . 3.84 8.30 -5.50
C4' SAH B . 3.44 9.79 -5.64
O4' SAH B . 4.56 10.47 -6.34
C3' SAH B . 2.20 10.01 -6.48
O3' SAH B . 1.30 10.86 -5.70
C2' SAH B . 2.68 10.71 -7.73
O2' SAH B . 1.74 11.61 -8.28
C1' SAH B . 3.95 11.42 -7.28
N9 SAH B . 4.85 11.73 -8.35
C8 SAH B . 5.22 10.98 -9.41
N7 SAH B . 6.07 11.63 -10.20
C5 SAH B . 6.25 12.87 -9.67
C6 SAH B . 7.06 14.08 -10.04
N6 SAH B . 7.81 14.07 -11.15
N1 SAH B . 6.99 15.11 -9.21
C2 SAH B . 6.21 15.12 -8.09
N3 SAH B . 5.42 14.07 -7.70
C4 SAH B . 5.48 12.94 -8.47
OAC 2H4 C . 4.16 4.44 -5.20
CAQ 2H4 C . 3.24 3.40 -5.36
CAH 2H4 C . 2.89 3.00 -6.62
CAR 2H4 C . 2.80 2.75 -4.22
OAD 2H4 C . 3.20 3.14 -2.94
CAI 2H4 C . 1.87 1.69 -4.35
CAT 2H4 C . 1.48 1.31 -5.63
CAS 2H4 C . 1.94 1.93 -6.78
CAK 2H4 C . 1.57 1.50 -8.18
CAJ 2H4 C . 0.40 0.58 -8.23
NAM 2H4 C . 0.50 -0.48 -7.15
CAU 2H4 C . 0.42 0.18 -5.81
CAL 2H4 C . 0.28 -0.83 -4.76
CAN 2H4 C . -0.37 -0.38 -3.37
CAG 2H4 C . -1.51 0.41 -3.35
CAE 2H4 C . 0.25 -0.76 -2.25
CAF 2H4 C . -0.23 -0.39 -1.00
CAO 2H4 C . -1.36 0.39 -0.92
OAA 2H4 C . -1.84 0.78 0.34
CAP 2H4 C . -2.03 0.81 -2.06
OAB 2H4 C . -3.20 1.52 -1.95
K K D . -7.44 -10.07 -13.72
K K E . 11.21 -8.14 5.11
K K F . -11.10 7.66 -15.95
C1 EDO G . 1.88 -40.68 -8.36
O1 EDO G . 1.80 -39.30 -7.98
C2 EDO G . 1.53 -40.85 -9.86
O2 EDO G . 2.62 -40.45 -10.72
C1 EDO H . -2.80 -16.56 -0.80
O1 EDO H . -4.04 -15.81 -0.53
C2 EDO H . -2.63 -16.86 -2.30
O2 EDO H . -1.83 -18.07 -2.49
C1 EDO I . -11.76 -2.17 -7.56
O1 EDO I . -11.56 -2.83 -6.25
C2 EDO I . -12.86 -1.07 -7.61
O2 EDO I . -12.76 -0.29 -8.87
C1 EDO J . -20.07 -9.50 15.55
O1 EDO J . -19.17 -10.54 15.30
C2 EDO J . -19.25 -8.22 15.78
O2 EDO J . -20.22 -7.15 15.94
C1 EDO K . 0.16 16.81 -15.51
O1 EDO K . -0.30 16.78 -14.15
C2 EDO K . 1.60 16.39 -15.52
O2 EDO K . 1.54 15.13 -14.84
#